data_2QFO
#
_entry.id   2QFO
#
_cell.length_a   64.157
_cell.length_b   88.755
_cell.length_c   98.445
_cell.angle_alpha   90.00
_cell.angle_beta   90.00
_cell.angle_gamma   90.00
#
_symmetry.space_group_name_H-M   'P 21 21 2'
#
loop_
_entity.id
_entity.type
_entity.pdbx_description
1 polymer 'Heat shock protein HSP 90-alpha'
2 non-polymer 4-METHYL-6-(TRIFLUOROMETHYL)PYRIMIDIN-2-AMINE
3 non-polymer (3E)-3-[(phenylamino)methylidene]dihydrofuran-2(3H)-one
4 water water
#
_entity_poly.entity_id   1
_entity_poly.type   'polypeptide(L)'
_entity_poly.pdbx_seq_one_letter_code
;VETFAFQAEIAQLMSLIINTFYSNKEIFLRELISNSSDALDKIRYESLTDPSKLDSGKELHINLIPNKQDRTLTIVDTGI
GMTKADLINNLGTIAKSGTKAFMEALQAGADISMIGQFGVGFYSAYLVAEKVTVITKHNDDEQYAWESSAGGSFTVRTDT
GEPMGRGTKVILHLKEDQTEYLEERRIKEIVKKHSQFIGYPITLFVE
;
_entity_poly.pdbx_strand_id   A,B
#
loop_
_chem_comp.id
_chem_comp.type
_chem_comp.name
_chem_comp.formula
A13 non-polymer 4-METHYL-6-(TRIFLUOROMETHYL)PYRIMIDIN-2-AMINE 'C6 H6 F3 N3'
A51 non-polymer (3E)-3-[(phenylamino)methylidene]dihydrofuran-2(3H)-one 'C11 H11 N O2'
#
# COMPACT_ATOMS: atom_id res chain seq x y z
N VAL A 1 12.69 -40.34 6.46
CA VAL A 1 11.23 -40.62 6.47
C VAL A 1 10.70 -40.73 7.89
N GLU A 2 9.70 -39.92 8.22
CA GLU A 2 9.10 -39.96 9.55
C GLU A 2 7.78 -40.71 9.49
N THR A 3 7.54 -41.54 10.49
CA THR A 3 6.30 -42.32 10.54
C THR A 3 5.45 -41.81 11.71
N PHE A 4 4.17 -41.60 11.43
CA PHE A 4 3.24 -41.11 12.44
C PHE A 4 2.02 -42.01 12.59
N ALA A 5 1.38 -41.93 13.74
CA ALA A 5 0.17 -42.70 13.98
C ALA A 5 -1.01 -41.76 13.78
N PHE A 6 -2.05 -42.25 13.10
CA PHE A 6 -3.24 -41.43 12.91
C PHE A 6 -3.88 -41.27 14.29
N GLN A 7 -4.55 -40.16 14.53
CA GLN A 7 -5.25 -39.99 15.79
C GLN A 7 -6.28 -41.14 15.76
N ALA A 8 -6.59 -41.70 16.92
CA ALA A 8 -7.51 -42.83 17.00
C ALA A 8 -8.78 -42.73 16.14
N GLU A 9 -9.51 -41.64 16.31
CA GLU A 9 -10.76 -41.45 15.57
C GLU A 9 -10.58 -41.44 14.06
N ILE A 10 -9.43 -40.97 13.59
CA ILE A 10 -9.15 -40.95 12.16
C ILE A 10 -8.89 -42.38 11.67
N ALA A 11 -8.18 -43.17 12.48
CA ALA A 11 -7.92 -44.54 12.09
C ALA A 11 -9.25 -45.29 12.04
N GLN A 12 -10.13 -44.97 12.97
CA GLN A 12 -11.44 -45.60 13.04
C GLN A 12 -12.29 -45.23 11.82
N LEU A 13 -12.20 -43.97 11.41
CA LEU A 13 -12.95 -43.50 10.25
C LEU A 13 -12.44 -44.23 9.01
N MET A 14 -11.13 -44.31 8.87
CA MET A 14 -10.56 -44.99 7.71
C MET A 14 -11.00 -46.44 7.67
N SER A 15 -11.00 -47.10 8.82
CA SER A 15 -11.42 -48.49 8.89
C SER A 15 -12.87 -48.64 8.43
N LEU A 16 -13.71 -47.69 8.83
CA LEU A 16 -15.12 -47.72 8.44
C LEU A 16 -15.26 -47.59 6.93
N ILE A 17 -14.45 -46.71 6.34
CA ILE A 17 -14.48 -46.48 4.90
C ILE A 17 -14.03 -47.70 4.12
N ILE A 18 -12.97 -48.34 4.60
CA ILE A 18 -12.42 -49.50 3.93
C ILE A 18 -13.21 -50.80 4.12
N ASN A 19 -13.82 -50.97 5.28
CA ASN A 19 -14.54 -52.21 5.55
C ASN A 19 -16.06 -52.21 5.36
N THR A 20 -16.68 -51.04 5.31
CA THR A 20 -18.12 -50.97 5.15
C THR A 20 -18.56 -51.31 3.72
N PHE A 21 -19.57 -52.16 3.59
CA PHE A 21 -20.05 -52.50 2.28
C PHE A 21 -20.80 -51.27 1.77
N TYR A 22 -20.30 -50.69 0.68
CA TYR A 22 -20.89 -49.49 0.11
C TYR A 22 -20.48 -49.45 -1.37
N SER A 23 -21.45 -49.65 -2.27
CA SER A 23 -21.13 -49.70 -3.68
C SER A 23 -20.98 -48.36 -4.43
N ASN A 24 -21.55 -47.29 -3.87
CA ASN A 24 -21.51 -45.96 -4.49
C ASN A 24 -20.15 -45.28 -4.28
N LYS A 25 -19.09 -45.98 -4.65
CA LYS A 25 -17.73 -45.49 -4.47
C LYS A 25 -17.32 -44.27 -5.30
N GLU A 26 -17.97 -44.07 -6.44
CA GLU A 26 -17.64 -42.98 -7.33
C GLU A 26 -17.58 -41.59 -6.69
N ILE A 27 -18.24 -41.42 -5.55
CA ILE A 27 -18.23 -40.11 -4.90
C ILE A 27 -16.85 -39.68 -4.42
N PHE A 28 -15.87 -40.58 -4.45
CA PHE A 28 -14.54 -40.19 -3.99
C PHE A 28 -13.99 -39.07 -4.86
N LEU A 29 -14.28 -39.12 -6.15
CA LEU A 29 -13.78 -38.12 -7.09
C LEU A 29 -14.37 -36.76 -6.78
N ARG A 30 -15.67 -36.73 -6.51
CA ARG A 30 -16.36 -35.50 -6.18
C ARG A 30 -15.72 -34.85 -4.95
N GLU A 31 -15.43 -35.65 -3.94
CA GLU A 31 -14.85 -35.14 -2.71
C GLU A 31 -13.44 -34.58 -2.88
N LEU A 32 -12.61 -35.24 -3.67
CA LEU A 32 -11.24 -34.76 -3.88
C LEU A 32 -11.25 -33.49 -4.73
N ILE A 33 -12.14 -33.44 -5.71
CA ILE A 33 -12.25 -32.27 -6.56
C ILE A 33 -12.76 -31.10 -5.71
N SER A 34 -13.66 -31.38 -4.78
CA SER A 34 -14.18 -30.33 -3.91
C SER A 34 -13.07 -29.79 -3.02
N ASN A 35 -12.20 -30.69 -2.53
CA ASN A 35 -11.09 -30.25 -1.71
C ASN A 35 -10.15 -29.35 -2.53
N SER A 36 -9.92 -29.72 -3.78
CA SER A 36 -9.05 -28.93 -4.65
C SER A 36 -9.66 -27.55 -4.87
N SER A 37 -10.97 -27.51 -5.11
CA SER A 37 -11.65 -26.24 -5.33
C SER A 37 -11.51 -25.37 -4.09
N ASP A 38 -11.67 -25.95 -2.91
CA ASP A 38 -11.52 -25.17 -1.68
C ASP A 38 -10.09 -24.64 -1.58
N ALA A 39 -9.13 -25.45 -1.95
CA ALA A 39 -7.72 -25.05 -1.89
C ALA A 39 -7.44 -23.93 -2.87
N LEU A 40 -8.12 -23.95 -4.01
CA LEU A 40 -7.96 -22.91 -5.02
C LEU A 40 -8.61 -21.62 -4.55
N ASP A 41 -9.75 -21.73 -3.85
CA ASP A 41 -10.44 -20.54 -3.33
C ASP A 41 -9.51 -19.81 -2.35
N LYS A 42 -8.81 -20.61 -1.53
CA LYS A 42 -7.90 -20.06 -0.53
C LYS A 42 -6.76 -19.24 -1.12
N ILE A 43 -6.05 -19.79 -2.11
CA ILE A 43 -4.95 -19.06 -2.70
C ILE A 43 -5.50 -17.89 -3.52
N ARG A 44 -6.66 -18.08 -4.13
CA ARG A 44 -7.28 -17.00 -4.91
C ARG A 44 -7.51 -15.82 -3.96
N TYR A 45 -8.13 -16.11 -2.82
CA TYR A 45 -8.44 -15.09 -1.82
C TYR A 45 -7.20 -14.41 -1.26
N GLU A 46 -6.20 -15.19 -0.85
CA GLU A 46 -4.98 -14.61 -0.29
C GLU A 46 -4.24 -13.75 -1.31
N SER A 47 -4.31 -14.13 -2.59
CA SER A 47 -3.62 -13.39 -3.64
C SER A 47 -4.25 -12.02 -3.91
N LEU A 48 -5.46 -11.82 -3.40
CA LEU A 48 -6.15 -10.53 -3.58
C LEU A 48 -5.39 -9.41 -2.87
N THR A 49 -4.88 -9.70 -1.68
CA THR A 49 -4.14 -8.72 -0.90
C THR A 49 -2.63 -8.85 -1.04
N ASP A 50 -2.17 -9.97 -1.60
CA ASP A 50 -0.73 -10.18 -1.79
C ASP A 50 -0.47 -10.95 -3.09
N PRO A 51 -0.33 -10.20 -4.20
CA PRO A 51 -0.08 -10.70 -5.56
C PRO A 51 1.15 -11.60 -5.69
N SER A 52 2.12 -11.42 -4.81
CA SER A 52 3.34 -12.22 -4.86
C SER A 52 3.08 -13.68 -4.52
N LYS A 53 1.90 -13.96 -3.94
CA LYS A 53 1.52 -15.32 -3.59
C LYS A 53 1.34 -16.16 -4.86
N LEU A 54 1.21 -15.48 -5.99
CA LEU A 54 1.04 -16.17 -7.27
C LEU A 54 2.34 -16.31 -8.05
N ASP A 55 3.45 -15.88 -7.46
CA ASP A 55 4.74 -15.98 -8.12
C ASP A 55 5.06 -17.45 -8.39
N SER A 56 4.38 -18.34 -7.66
CA SER A 56 4.58 -19.77 -7.80
C SER A 56 3.59 -20.37 -8.80
N GLY A 57 2.88 -19.50 -9.53
CA GLY A 57 1.93 -19.97 -10.52
C GLY A 57 0.60 -19.23 -10.45
N LYS A 58 0.23 -18.56 -11.54
CA LYS A 58 -1.01 -17.79 -11.57
C LYS A 58 -2.23 -18.63 -11.98
N GLU A 59 -1.98 -19.72 -12.69
CA GLU A 59 -3.07 -20.57 -13.17
C GLU A 59 -3.75 -21.34 -12.03
N LEU A 60 -5.07 -21.20 -11.93
CA LEU A 60 -5.85 -21.88 -10.89
C LEU A 60 -6.69 -22.96 -11.57
N HIS A 61 -6.28 -24.21 -11.42
CA HIS A 61 -7.01 -25.28 -12.06
C HIS A 61 -6.87 -26.64 -11.40
N ILE A 62 -7.58 -27.61 -11.96
CA ILE A 62 -7.59 -28.98 -11.49
C ILE A 62 -7.32 -29.93 -12.66
N ASN A 63 -6.37 -30.84 -12.49
CA ASN A 63 -6.03 -31.81 -13.53
C ASN A 63 -6.32 -33.23 -13.03
N LEU A 64 -6.90 -34.05 -13.90
CA LEU A 64 -7.19 -35.45 -13.56
C LEU A 64 -6.29 -36.28 -14.46
N ILE A 65 -5.45 -37.11 -13.86
CA ILE A 65 -4.50 -37.91 -14.63
C ILE A 65 -4.56 -39.40 -14.36
N PRO A 66 -5.16 -40.16 -15.28
CA PRO A 66 -5.27 -41.60 -15.13
C PRO A 66 -4.05 -42.26 -15.75
N ASN A 67 -3.63 -43.39 -15.21
CA ASN A 67 -2.48 -44.10 -15.75
C ASN A 67 -2.73 -45.59 -15.50
N LYS A 68 -3.20 -46.29 -16.52
CA LYS A 68 -3.52 -47.70 -16.40
C LYS A 68 -2.27 -48.56 -16.17
N GLN A 69 -1.14 -48.12 -16.69
CA GLN A 69 0.11 -48.85 -16.51
C GLN A 69 0.54 -48.92 -15.05
N ASP A 70 0.44 -47.79 -14.34
CA ASP A 70 0.80 -47.75 -12.93
C ASP A 70 -0.43 -48.00 -12.07
N ARG A 71 -1.58 -48.06 -12.71
CA ARG A 71 -2.86 -48.24 -12.04
C ARG A 71 -3.07 -47.15 -10.99
N THR A 72 -2.93 -45.90 -11.43
CA THR A 72 -3.11 -44.77 -10.55
C THR A 72 -3.99 -43.70 -11.16
N LEU A 73 -4.69 -42.97 -10.29
CA LEU A 73 -5.52 -41.86 -10.71
C LEU A 73 -5.02 -40.71 -9.84
N THR A 74 -4.56 -39.64 -10.46
CA THR A 74 -4.02 -38.52 -9.71
C THR A 74 -4.87 -37.26 -9.90
N ILE A 75 -5.21 -36.61 -8.78
CA ILE A 75 -5.97 -35.37 -8.80
C ILE A 75 -4.99 -34.27 -8.41
N VAL A 76 -4.72 -33.36 -9.35
CA VAL A 76 -3.76 -32.29 -9.12
C VAL A 76 -4.42 -30.91 -9.14
N ASP A 77 -4.05 -30.06 -8.19
CA ASP A 77 -4.57 -28.70 -8.18
C ASP A 77 -3.43 -27.75 -7.91
N THR A 78 -3.64 -26.48 -8.26
CA THR A 78 -2.64 -25.44 -8.03
C THR A 78 -3.18 -24.56 -6.91
N GLY A 79 -3.76 -25.22 -5.90
CA GLY A 79 -4.32 -24.51 -4.77
C GLY A 79 -3.27 -24.00 -3.80
N ILE A 80 -3.72 -23.63 -2.60
CA ILE A 80 -2.84 -23.10 -1.56
C ILE A 80 -1.74 -24.08 -1.11
N GLY A 81 -1.99 -25.37 -1.22
CA GLY A 81 -0.99 -26.33 -0.79
C GLY A 81 -0.96 -26.48 0.72
N MET A 82 -0.08 -27.33 1.21
CA MET A 82 0.04 -27.55 2.65
C MET A 82 1.48 -27.53 3.13
N THR A 83 1.70 -26.87 4.26
CA THR A 83 3.02 -26.82 4.86
C THR A 83 3.15 -28.19 5.53
N LYS A 84 4.33 -28.51 6.05
CA LYS A 84 4.51 -29.80 6.70
C LYS A 84 3.53 -29.95 7.86
N ALA A 85 3.37 -28.89 8.65
CA ALA A 85 2.45 -28.91 9.78
C ALA A 85 1.01 -29.12 9.31
N ASP A 86 0.63 -28.41 8.24
CA ASP A 86 -0.72 -28.53 7.69
C ASP A 86 -0.98 -29.98 7.28
N LEU A 87 0.00 -30.61 6.66
CA LEU A 87 -0.13 -32.00 6.21
C LEU A 87 -0.43 -32.92 7.36
N ILE A 88 0.44 -32.89 8.38
CA ILE A 88 0.30 -33.74 9.54
C ILE A 88 -1.00 -33.50 10.31
N ASN A 89 -1.37 -32.23 10.45
CA ASN A 89 -2.59 -31.87 11.15
C ASN A 89 -3.85 -32.18 10.33
N ASN A 90 -3.84 -31.78 9.06
CA ASN A 90 -4.98 -32.01 8.18
C ASN A 90 -5.31 -33.47 7.91
N LEU A 91 -4.28 -34.28 7.69
CA LEU A 91 -4.50 -35.67 7.36
C LEU A 91 -4.31 -36.66 8.51
N GLY A 92 -3.63 -36.24 9.57
CA GLY A 92 -3.39 -37.17 10.66
C GLY A 92 -4.23 -37.01 11.91
N THR A 93 -5.00 -35.92 12.00
CA THR A 93 -5.82 -35.69 13.19
C THR A 93 -7.22 -35.19 12.84
N ILE A 94 -8.10 -35.17 13.85
CA ILE A 94 -9.46 -34.69 13.64
C ILE A 94 -9.40 -33.23 13.23
N ALA A 95 -8.57 -32.46 13.94
CA ALA A 95 -8.40 -31.03 13.66
C ALA A 95 -9.77 -30.33 13.66
N LYS A 96 -10.08 -29.61 12.59
CA LYS A 96 -11.35 -28.90 12.52
C LYS A 96 -12.43 -29.70 11.79
N SER A 97 -12.15 -30.96 11.51
CA SER A 97 -13.11 -31.81 10.81
C SER A 97 -14.24 -32.29 11.71
N GLY A 98 -15.28 -32.85 11.09
CA GLY A 98 -16.40 -33.37 11.83
C GLY A 98 -16.34 -34.88 11.92
N THR A 99 -15.13 -35.41 12.09
CA THR A 99 -14.91 -36.85 12.19
C THR A 99 -15.87 -37.53 13.18
N LYS A 100 -15.99 -36.94 14.36
CA LYS A 100 -16.84 -37.51 15.39
C LYS A 100 -18.31 -37.53 14.96
N ALA A 101 -18.81 -36.38 14.51
CA ALA A 101 -20.20 -36.28 14.08
C ALA A 101 -20.50 -37.26 12.94
N PHE A 102 -19.56 -37.42 12.01
CA PHE A 102 -19.77 -38.33 10.89
C PHE A 102 -19.94 -39.77 11.34
N MET A 103 -19.05 -40.23 12.21
CA MET A 103 -19.14 -41.61 12.69
C MET A 103 -20.45 -41.83 13.44
N GLU A 104 -20.86 -40.84 14.21
CA GLU A 104 -22.13 -40.97 14.94
C GLU A 104 -23.27 -40.97 13.94
N ALA A 105 -23.16 -40.14 12.90
CA ALA A 105 -24.18 -40.06 11.89
C ALA A 105 -24.40 -41.41 11.22
N LEU A 106 -23.30 -42.07 10.85
CA LEU A 106 -23.38 -43.37 10.21
C LEU A 106 -24.14 -44.39 11.05
N GLN A 107 -24.07 -44.25 12.36
CA GLN A 107 -24.79 -45.17 13.23
C GLN A 107 -26.24 -44.73 13.37
N ALA A 108 -26.52 -43.48 12.99
CA ALA A 108 -27.87 -42.94 13.07
C ALA A 108 -28.56 -42.98 11.71
N GLY A 109 -28.04 -43.80 10.80
CA GLY A 109 -28.65 -43.93 9.49
C GLY A 109 -28.02 -43.13 8.35
N ALA A 110 -27.06 -42.27 8.67
CA ALA A 110 -26.41 -41.47 7.63
C ALA A 110 -25.74 -42.37 6.60
N ASP A 111 -25.46 -41.80 5.44
CA ASP A 111 -24.85 -42.52 4.33
C ASP A 111 -23.40 -42.05 4.09
N ILE A 112 -22.52 -42.95 3.67
CA ILE A 112 -21.12 -42.59 3.42
C ILE A 112 -20.97 -41.45 2.40
N SER A 113 -21.90 -41.33 1.47
CA SER A 113 -21.83 -40.28 0.46
C SER A 113 -21.92 -38.89 1.09
N MET A 114 -22.32 -38.82 2.34
CA MET A 114 -22.48 -37.56 3.06
C MET A 114 -21.18 -37.13 3.74
N ILE A 115 -20.12 -37.89 3.51
CA ILE A 115 -18.81 -37.62 4.12
C ILE A 115 -18.29 -36.20 3.94
N GLY A 116 -18.52 -35.61 2.77
CA GLY A 116 -18.04 -34.26 2.53
C GLY A 116 -18.63 -33.17 3.41
N GLN A 117 -19.82 -33.43 3.94
CA GLN A 117 -20.48 -32.44 4.80
C GLN A 117 -19.87 -32.43 6.20
N PHE A 118 -18.95 -33.36 6.44
CA PHE A 118 -18.30 -33.46 7.74
C PHE A 118 -16.81 -33.13 7.71
N GLY A 119 -16.37 -32.51 6.62
CA GLY A 119 -14.98 -32.11 6.50
C GLY A 119 -13.93 -33.20 6.43
N VAL A 120 -14.33 -34.40 6.04
CA VAL A 120 -13.39 -35.52 5.94
C VAL A 120 -13.50 -36.24 4.60
N GLY A 121 -13.90 -35.51 3.58
CA GLY A 121 -14.04 -36.07 2.24
C GLY A 121 -12.77 -36.70 1.70
N PHE A 122 -11.61 -36.23 2.15
CA PHE A 122 -10.34 -36.78 1.68
C PHE A 122 -10.26 -38.30 1.87
N TYR A 123 -10.71 -38.77 3.02
CA TYR A 123 -10.64 -40.20 3.30
C TYR A 123 -11.49 -41.10 2.42
N SER A 124 -12.38 -40.52 1.60
CA SER A 124 -13.20 -41.33 0.71
C SER A 124 -12.28 -41.93 -0.35
N ALA A 125 -11.05 -41.44 -0.39
CA ALA A 125 -10.07 -41.95 -1.34
C ALA A 125 -9.86 -43.44 -1.10
N TYR A 126 -10.01 -43.86 0.16
CA TYR A 126 -9.80 -45.26 0.50
C TYR A 126 -10.95 -46.17 0.10
N LEU A 127 -11.94 -45.62 -0.58
CA LEU A 127 -13.05 -46.42 -1.08
C LEU A 127 -12.52 -47.15 -2.31
N VAL A 128 -11.58 -46.50 -3.01
CA VAL A 128 -11.02 -47.06 -4.24
C VAL A 128 -9.51 -47.30 -4.24
N ALA A 129 -8.79 -46.69 -3.29
CA ALA A 129 -7.33 -46.83 -3.24
C ALA A 129 -6.82 -47.67 -2.08
N GLU A 130 -5.81 -48.49 -2.35
CA GLU A 130 -5.18 -49.31 -1.32
C GLU A 130 -4.08 -48.48 -0.66
N LYS A 131 -3.58 -47.50 -1.39
CA LYS A 131 -2.54 -46.60 -0.90
C LYS A 131 -2.78 -45.23 -1.50
N VAL A 132 -2.49 -44.20 -0.72
CA VAL A 132 -2.66 -42.83 -1.18
C VAL A 132 -1.39 -42.04 -0.88
N THR A 133 -0.88 -41.34 -1.88
CA THR A 133 0.32 -40.53 -1.72
C THR A 133 -0.10 -39.09 -1.99
N VAL A 134 0.24 -38.18 -1.09
CA VAL A 134 -0.10 -36.78 -1.28
C VAL A 134 1.17 -35.96 -1.39
N ILE A 135 1.36 -35.33 -2.54
CA ILE A 135 2.52 -34.48 -2.77
C ILE A 135 1.98 -33.06 -2.66
N THR A 136 2.62 -32.22 -1.85
CA THR A 136 2.10 -30.87 -1.67
C THR A 136 3.20 -29.82 -1.50
N LYS A 137 2.92 -28.61 -1.96
CA LYS A 137 3.86 -27.50 -1.87
C LYS A 137 3.10 -26.23 -1.53
N HIS A 138 3.46 -25.61 -0.40
CA HIS A 138 2.83 -24.37 0.04
C HIS A 138 3.91 -23.30 -0.08
N ASN A 139 3.52 -22.08 -0.43
CA ASN A 139 4.47 -20.98 -0.58
C ASN A 139 5.43 -20.84 0.60
N ASP A 140 4.97 -21.17 1.81
CA ASP A 140 5.79 -21.03 3.01
C ASP A 140 6.59 -22.23 3.47
N ASP A 141 6.64 -23.30 2.68
CA ASP A 141 7.41 -24.48 3.08
C ASP A 141 7.97 -25.19 1.87
N GLU A 142 8.73 -26.24 2.11
CA GLU A 142 9.33 -27.03 1.05
C GLU A 142 8.29 -28.06 0.60
N GLN A 143 8.60 -28.80 -0.46
CA GLN A 143 7.67 -29.81 -0.98
C GLN A 143 7.77 -31.10 -0.15
N TYR A 144 6.61 -31.64 0.22
CA TYR A 144 6.57 -32.86 1.03
C TYR A 144 5.69 -33.94 0.41
N ALA A 145 5.94 -35.18 0.82
CA ALA A 145 5.18 -36.32 0.36
C ALA A 145 4.63 -37.04 1.59
N TRP A 146 3.31 -37.16 1.63
CA TRP A 146 2.59 -37.84 2.70
C TRP A 146 2.12 -39.16 2.07
N GLU A 147 2.09 -40.24 2.82
CA GLU A 147 1.65 -41.49 2.23
C GLU A 147 1.08 -42.44 3.27
N SER A 148 0.06 -43.20 2.87
CA SER A 148 -0.54 -44.15 3.80
C SER A 148 -1.36 -45.23 3.09
N SER A 149 -1.22 -46.46 3.57
CA SER A 149 -1.96 -47.60 3.07
C SER A 149 -2.87 -47.99 4.22
N ALA A 150 -3.16 -47.01 5.07
CA ALA A 150 -4.00 -47.17 6.26
C ALA A 150 -3.25 -47.98 7.31
N GLY A 151 -3.96 -48.88 7.98
CA GLY A 151 -3.30 -49.69 8.99
C GLY A 151 -2.91 -48.91 10.23
N GLY A 152 -3.38 -47.67 10.33
CA GLY A 152 -3.08 -46.85 11.50
C GLY A 152 -1.91 -45.89 11.46
N SER A 153 -1.15 -45.88 10.37
CA SER A 153 0.00 -44.99 10.29
C SER A 153 0.18 -44.36 8.92
N PHE A 154 0.97 -43.30 8.88
CA PHE A 154 1.27 -42.62 7.62
C PHE A 154 2.69 -42.11 7.71
N THR A 155 3.30 -41.83 6.57
CA THR A 155 4.66 -41.32 6.56
C THR A 155 4.72 -39.95 5.93
N VAL A 156 5.78 -39.22 6.26
CA VAL A 156 6.01 -37.89 5.68
C VAL A 156 7.50 -37.77 5.44
N ARG A 157 7.85 -37.24 4.27
CA ARG A 157 9.24 -37.05 3.92
C ARG A 157 9.33 -35.90 2.94
N THR A 158 10.51 -35.32 2.80
CA THR A 158 10.69 -34.23 1.86
C THR A 158 10.59 -34.86 0.48
N ASP A 159 10.17 -34.08 -0.51
CA ASP A 159 10.03 -34.60 -1.86
C ASP A 159 10.79 -33.67 -2.81
N THR A 160 11.87 -34.16 -3.40
CA THR A 160 12.67 -33.33 -4.30
C THR A 160 12.71 -33.75 -5.76
N GLY A 161 12.27 -34.96 -6.06
CA GLY A 161 12.30 -35.43 -7.44
C GLY A 161 11.80 -34.46 -8.51
N GLU A 162 10.59 -33.96 -8.34
CA GLU A 162 10.00 -33.03 -9.31
C GLU A 162 9.13 -31.97 -8.64
N PRO A 163 9.68 -30.75 -8.51
CA PRO A 163 9.03 -29.59 -7.89
C PRO A 163 7.70 -29.27 -8.60
N MET A 164 6.70 -28.84 -7.85
CA MET A 164 5.40 -28.54 -8.44
C MET A 164 4.89 -27.12 -8.27
N GLY A 165 5.78 -26.14 -8.19
CA GLY A 165 5.36 -24.76 -8.04
C GLY A 165 4.54 -24.46 -6.79
N ARG A 166 3.30 -24.92 -6.78
CA ARG A 166 2.42 -24.73 -5.62
C ARG A 166 1.16 -25.55 -5.83
N GLY A 167 0.68 -26.18 -4.77
CA GLY A 167 -0.53 -26.97 -4.89
C GLY A 167 -0.45 -28.32 -4.21
N THR A 168 -1.38 -29.19 -4.58
CA THR A 168 -1.44 -30.53 -4.00
C THR A 168 -1.78 -31.56 -5.06
N LYS A 169 -1.12 -32.71 -4.95
CA LYS A 169 -1.33 -33.81 -5.88
C LYS A 169 -1.73 -35.03 -5.06
N VAL A 170 -2.93 -35.56 -5.30
CA VAL A 170 -3.39 -36.74 -4.58
C VAL A 170 -3.30 -37.93 -5.52
N ILE A 171 -2.35 -38.83 -5.23
CA ILE A 171 -2.13 -40.01 -6.06
C ILE A 171 -2.85 -41.21 -5.47
N LEU A 172 -3.82 -41.74 -6.22
CA LEU A 172 -4.59 -42.89 -5.76
C LEU A 172 -4.08 -44.17 -6.40
N HIS A 173 -3.48 -45.04 -5.58
CA HIS A 173 -2.99 -46.32 -6.06
C HIS A 173 -4.22 -47.22 -5.90
N LEU A 174 -4.97 -47.35 -6.98
CA LEU A 174 -6.22 -48.10 -6.99
C LEU A 174 -6.16 -49.60 -6.70
N LYS A 175 -7.24 -50.08 -6.07
CA LYS A 175 -7.39 -51.49 -5.76
C LYS A 175 -7.58 -52.18 -7.11
N GLU A 176 -7.18 -53.45 -7.19
CA GLU A 176 -7.29 -54.21 -8.42
C GLU A 176 -8.66 -54.20 -9.08
N ASP A 177 -9.72 -54.17 -8.27
CA ASP A 177 -11.09 -54.20 -8.79
C ASP A 177 -11.74 -52.84 -8.96
N GLN A 178 -10.94 -51.78 -8.94
CA GLN A 178 -11.48 -50.42 -9.09
C GLN A 178 -10.86 -49.70 -10.28
N THR A 179 -10.39 -50.45 -11.26
CA THR A 179 -9.77 -49.83 -12.43
C THR A 179 -10.75 -49.12 -13.36
N GLU A 180 -12.04 -49.21 -13.08
CA GLU A 180 -13.01 -48.53 -13.94
C GLU A 180 -12.78 -47.02 -13.88
N TYR A 181 -12.19 -46.57 -12.78
CA TYR A 181 -11.92 -45.15 -12.59
C TYR A 181 -10.71 -44.62 -13.35
N LEU A 182 -10.21 -45.45 -14.25
CA LEU A 182 -9.07 -45.08 -15.10
C LEU A 182 -9.59 -44.92 -16.53
N GLU A 183 -10.84 -45.34 -16.73
CA GLU A 183 -11.47 -45.25 -18.05
C GLU A 183 -11.97 -43.84 -18.30
N GLU A 184 -11.60 -43.28 -19.45
CA GLU A 184 -12.00 -41.92 -19.80
C GLU A 184 -13.51 -41.67 -19.72
N ARG A 185 -14.29 -42.57 -20.30
CA ARG A 185 -15.74 -42.41 -20.28
C ARG A 185 -16.29 -42.40 -18.86
N ARG A 186 -15.72 -43.21 -17.99
CA ARG A 186 -16.17 -43.29 -16.61
C ARG A 186 -15.87 -42.00 -15.85
N ILE A 187 -14.65 -41.49 -16.01
CA ILE A 187 -14.24 -40.27 -15.35
C ILE A 187 -15.08 -39.09 -15.83
N LYS A 188 -15.28 -39.00 -17.15
CA LYS A 188 -16.08 -37.90 -17.68
C LYS A 188 -17.50 -37.96 -17.13
N GLU A 189 -18.05 -39.16 -17.04
CA GLU A 189 -19.40 -39.35 -16.53
C GLU A 189 -19.51 -38.88 -15.07
N ILE A 190 -18.52 -39.24 -14.25
CA ILE A 190 -18.51 -38.86 -12.85
C ILE A 190 -18.35 -37.36 -12.64
N VAL A 191 -17.47 -36.73 -13.42
CA VAL A 191 -17.27 -35.30 -13.31
C VAL A 191 -18.56 -34.56 -13.70
N LYS A 192 -19.19 -34.99 -14.78
CA LYS A 192 -20.40 -34.35 -15.24
C LYS A 192 -21.55 -34.55 -14.24
N LYS A 193 -21.54 -35.69 -13.55
CA LYS A 193 -22.57 -36.00 -12.58
C LYS A 193 -22.46 -35.27 -11.25
N HIS A 194 -21.26 -35.21 -10.70
CA HIS A 194 -21.04 -34.60 -9.39
C HIS A 194 -20.21 -33.32 -9.29
N SER A 195 -19.51 -32.95 -10.35
CA SER A 195 -18.66 -31.77 -10.29
C SER A 195 -18.84 -30.79 -11.44
N GLN A 196 -20.02 -30.78 -12.04
CA GLN A 196 -20.31 -29.91 -13.18
C GLN A 196 -20.29 -28.42 -12.87
N PHE A 197 -20.42 -28.07 -11.59
CA PHE A 197 -20.47 -26.65 -11.22
C PHE A 197 -19.22 -26.07 -10.58
N ILE A 198 -18.14 -26.84 -10.53
CA ILE A 198 -16.89 -26.38 -9.95
C ILE A 198 -16.42 -25.14 -10.71
N GLY A 199 -15.97 -24.12 -9.99
CA GLY A 199 -15.56 -22.87 -10.61
C GLY A 199 -14.13 -22.74 -11.07
N TYR A 200 -13.52 -23.87 -11.44
CA TYR A 200 -12.14 -23.87 -11.92
C TYR A 200 -12.09 -24.90 -13.04
N PRO A 201 -11.20 -24.70 -14.02
CA PRO A 201 -11.17 -25.69 -15.08
C PRO A 201 -10.70 -27.06 -14.59
N ILE A 202 -11.35 -28.10 -15.10
CA ILE A 202 -10.99 -29.47 -14.76
C ILE A 202 -10.59 -30.13 -16.07
N THR A 203 -9.32 -30.47 -16.19
CA THR A 203 -8.80 -31.07 -17.40
C THR A 203 -8.49 -32.55 -17.20
N LEU A 204 -9.12 -33.39 -18.01
CA LEU A 204 -8.89 -34.83 -17.94
C LEU A 204 -7.81 -35.16 -18.96
N PHE A 205 -6.65 -35.58 -18.47
CA PHE A 205 -5.52 -35.94 -19.33
C PHE A 205 -5.82 -37.24 -20.06
N VAL A 206 -5.31 -37.33 -21.28
CA VAL A 206 -5.45 -38.50 -22.12
C VAL A 206 -4.19 -39.33 -21.89
N GLU A 207 -4.31 -40.65 -21.97
CA GLU A 207 -3.13 -41.48 -21.73
C GLU A 207 -2.23 -41.67 -22.93
N VAL B 1 27.32 31.09 10.59
CA VAL B 1 25.86 30.78 10.53
C VAL B 1 25.28 30.71 11.93
N GLU B 2 24.26 31.53 12.19
CA GLU B 2 23.61 31.55 13.49
C GLU B 2 22.30 30.80 13.41
N THR B 3 22.06 29.92 14.38
CA THR B 3 20.83 29.13 14.40
C THR B 3 19.97 29.61 15.57
N PHE B 4 18.70 29.89 15.31
CA PHE B 4 17.77 30.37 16.32
C PHE B 4 16.55 29.46 16.43
N ALA B 5 15.89 29.50 17.59
CA ALA B 5 14.68 28.72 17.80
C ALA B 5 13.50 29.66 17.55
N PHE B 6 12.47 29.16 16.88
CA PHE B 6 11.28 29.98 16.64
C PHE B 6 10.62 30.20 17.98
N GLN B 7 9.98 31.36 18.16
CA GLN B 7 9.26 31.62 19.39
C GLN B 7 8.13 30.60 19.45
N ALA B 8 7.70 30.27 20.66
CA ALA B 8 6.62 29.29 20.84
C ALA B 8 5.44 29.47 19.89
N GLU B 9 4.90 30.69 19.83
CA GLU B 9 3.76 30.99 18.97
C GLU B 9 4.01 30.64 17.50
N ILE B 10 5.18 31.01 16.99
CA ILE B 10 5.51 30.74 15.60
C ILE B 10 5.70 29.25 15.35
N ALA B 11 6.29 28.54 16.31
CA ALA B 11 6.48 27.11 16.15
C ALA B 11 5.09 26.46 16.04
N GLN B 12 4.16 26.93 16.86
CA GLN B 12 2.79 26.41 16.86
C GLN B 12 2.10 26.72 15.53
N LEU B 13 2.28 27.94 15.05
CA LEU B 13 1.69 28.38 13.78
C LEU B 13 2.17 27.52 12.64
N MET B 14 3.48 27.34 12.54
CA MET B 14 4.03 26.53 11.46
C MET B 14 3.54 25.09 11.55
N SER B 15 3.43 24.56 12.76
CA SER B 15 2.96 23.19 12.93
C SER B 15 1.53 23.05 12.40
N LEU B 16 0.70 24.04 12.66
CA LEU B 16 -0.68 24.00 12.21
C LEU B 16 -0.73 24.00 10.68
N ILE B 17 0.06 24.89 10.08
CA ILE B 17 0.12 24.99 8.62
C ILE B 17 0.59 23.69 7.97
N ILE B 18 1.58 23.07 8.60
CA ILE B 18 2.14 21.83 8.06
C ILE B 18 1.33 20.58 8.32
N ASN B 19 0.65 20.54 9.47
CA ASN B 19 -0.10 19.34 9.82
C ASN B 19 -1.61 19.33 9.58
N THR B 20 -2.21 20.50 9.43
CA THR B 20 -3.65 20.57 9.21
C THR B 20 -4.03 20.17 7.79
N PHE B 21 -5.05 19.32 7.67
CA PHE B 21 -5.50 18.94 6.34
C PHE B 21 -6.26 20.13 5.76
N TYR B 22 -5.74 20.67 4.66
CA TYR B 22 -6.35 21.83 4.02
C TYR B 22 -5.92 21.82 2.56
N SER B 23 -6.86 21.50 1.67
CA SER B 23 -6.55 21.41 0.24
C SER B 23 -6.30 22.71 -0.53
N ASN B 24 -6.85 23.81 -0.04
CA ASN B 24 -6.71 25.12 -0.70
C ASN B 24 -5.32 25.74 -0.48
N LYS B 25 -4.28 24.99 -0.82
CA LYS B 25 -2.90 25.46 -0.63
C LYS B 25 -2.47 26.64 -1.50
N GLU B 26 -3.12 26.81 -2.65
CA GLU B 26 -2.77 27.86 -3.60
C GLU B 26 -2.73 29.28 -3.07
N ILE B 27 -3.37 29.52 -1.93
CA ILE B 27 -3.40 30.87 -1.38
C ILE B 27 -2.04 31.36 -0.89
N PHE B 28 -1.05 30.47 -0.83
CA PHE B 28 0.27 30.90 -0.38
C PHE B 28 0.82 32.00 -1.29
N LEU B 29 0.58 31.87 -2.59
CA LEU B 29 1.09 32.85 -3.55
C LEU B 29 0.52 34.24 -3.30
N ARG B 30 -0.80 34.30 -3.11
CA ARG B 30 -1.47 35.57 -2.82
C ARG B 30 -0.87 36.24 -1.60
N GLU B 31 -0.58 35.45 -0.57
CA GLU B 31 -0.02 35.99 0.67
C GLU B 31 1.38 36.55 0.47
N LEU B 32 2.20 35.86 -0.32
CA LEU B 32 3.56 36.34 -0.56
C LEU B 32 3.55 37.58 -1.44
N ILE B 33 2.66 37.59 -2.42
CA ILE B 33 2.53 38.73 -3.32
C ILE B 33 2.04 39.93 -2.52
N SER B 34 1.18 39.66 -1.55
CA SER B 34 0.66 40.72 -0.70
C SER B 34 1.79 41.29 0.16
N ASN B 35 2.64 40.41 0.68
CA ASN B 35 3.77 40.84 1.49
C ASN B 35 4.70 41.72 0.66
N SER B 36 4.93 41.32 -0.60
CA SER B 36 5.81 42.07 -1.48
C SER B 36 5.22 43.45 -1.76
N SER B 37 3.92 43.48 -2.06
CA SER B 37 3.25 44.75 -2.32
C SER B 37 3.43 45.67 -1.11
N ASP B 38 3.27 45.12 0.10
CA ASP B 38 3.44 45.93 1.30
C ASP B 38 4.86 46.48 1.40
N ALA B 39 5.84 45.64 1.09
CA ALA B 39 7.25 46.06 1.16
C ALA B 39 7.52 47.14 0.13
N LEU B 40 6.87 47.05 -1.02
CA LEU B 40 7.04 48.02 -2.08
C LEU B 40 6.38 49.35 -1.68
N ASP B 41 5.23 49.27 -1.01
CA ASP B 41 4.55 50.48 -0.57
C ASP B 41 5.48 51.24 0.39
N LYS B 42 6.12 50.51 1.27
CA LYS B 42 7.02 51.12 2.25
C LYS B 42 8.19 51.89 1.65
N ILE B 43 8.91 51.28 0.72
CA ILE B 43 10.04 51.99 0.12
C ILE B 43 9.50 53.14 -0.71
N ARG B 44 8.36 52.95 -1.35
CA ARG B 44 7.76 54.02 -2.15
C ARG B 44 7.42 55.23 -1.29
N TYR B 45 6.80 55.00 -0.13
CA TYR B 45 6.43 56.12 0.73
C TYR B 45 7.67 56.85 1.28
N GLU B 46 8.70 56.09 1.65
CA GLU B 46 9.91 56.72 2.18
C GLU B 46 10.61 57.57 1.13
N SER B 47 10.63 57.10 -0.11
CA SER B 47 11.29 57.82 -1.20
C SER B 47 10.63 59.15 -1.50
N LEU B 48 9.41 59.36 -1.01
CA LEU B 48 8.70 60.60 -1.26
C LEU B 48 9.42 61.78 -0.59
N THR B 49 9.99 61.52 0.58
CA THR B 49 10.70 62.57 1.31
C THR B 49 12.22 62.43 1.19
N ASP B 50 12.68 61.30 0.68
CA ASP B 50 14.11 61.06 0.51
C ASP B 50 14.35 60.22 -0.74
N PRO B 51 14.52 60.88 -1.89
CA PRO B 51 14.75 60.23 -3.18
C PRO B 51 15.95 59.29 -3.20
N SER B 52 16.97 59.59 -2.40
CA SER B 52 18.17 58.76 -2.36
C SER B 52 17.85 57.34 -1.91
N LYS B 53 16.68 57.14 -1.31
CA LYS B 53 16.25 55.82 -0.85
C LYS B 53 16.17 54.87 -2.04
N LEU B 54 16.01 55.43 -3.24
CA LEU B 54 15.93 54.62 -4.44
C LEU B 54 17.25 54.48 -5.18
N ASP B 55 18.34 54.96 -4.58
CA ASP B 55 19.65 54.85 -5.23
C ASP B 55 19.99 53.38 -5.43
N SER B 56 19.37 52.52 -4.64
CA SER B 56 19.60 51.09 -4.70
C SER B 56 18.65 50.39 -5.68
N GLY B 57 17.94 51.18 -6.48
CA GLY B 57 17.01 50.61 -7.45
C GLY B 57 15.72 51.43 -7.53
N LYS B 58 15.41 51.95 -8.71
CA LYS B 58 14.20 52.75 -8.88
C LYS B 58 12.98 51.95 -9.29
N GLU B 59 13.19 50.77 -9.86
CA GLU B 59 12.08 49.92 -10.31
C GLU B 59 11.39 49.22 -9.15
N LEU B 60 10.08 49.42 -9.04
CA LEU B 60 9.28 48.79 -7.98
C LEU B 60 8.39 47.73 -8.64
N HIS B 61 8.79 46.47 -8.52
CA HIS B 61 8.05 45.39 -9.14
C HIS B 61 8.16 44.07 -8.41
N ILE B 62 7.42 43.08 -8.92
CA ILE B 62 7.39 41.73 -8.38
C ILE B 62 7.63 40.73 -9.51
N ASN B 63 8.56 39.82 -9.29
CA ASN B 63 8.91 38.80 -10.28
C ASN B 63 8.62 37.42 -9.71
N LEU B 64 8.02 36.54 -10.52
CA LEU B 64 7.71 35.17 -10.11
C LEU B 64 8.62 34.30 -10.97
N ILE B 65 9.47 33.52 -10.31
CA ILE B 65 10.45 32.70 -11.03
C ILE B 65 10.43 31.20 -10.71
N PRO B 66 9.84 30.40 -11.60
CA PRO B 66 9.78 28.95 -11.39
C PRO B 66 11.03 28.30 -11.98
N ASN B 67 11.49 27.23 -11.36
CA ASN B 67 12.67 26.50 -11.84
C ASN B 67 12.38 25.03 -11.60
N LYS B 68 11.99 24.33 -12.66
CA LYS B 68 11.66 22.92 -12.55
C LYS B 68 12.84 22.04 -12.20
N GLN B 69 14.03 22.46 -12.60
CA GLN B 69 15.26 21.71 -12.33
C GLN B 69 15.56 21.67 -10.83
N ASP B 70 15.45 22.81 -10.16
CA ASP B 70 15.71 22.88 -8.72
C ASP B 70 14.44 22.69 -7.92
N ARG B 71 13.31 22.64 -8.62
CA ARG B 71 12.00 22.50 -8.00
C ARG B 71 11.79 23.63 -7.01
N THR B 72 12.02 24.86 -7.47
CA THR B 72 11.84 26.02 -6.63
C THR B 72 10.98 27.07 -7.32
N LEU B 73 10.22 27.81 -6.53
CA LEU B 73 9.39 28.90 -7.03
C LEU B 73 9.88 30.09 -6.21
N THR B 74 10.41 31.11 -6.88
CA THR B 74 10.93 32.27 -6.18
C THR B 74 10.09 33.51 -6.43
N ILE B 75 9.77 34.23 -5.35
CA ILE B 75 9.00 35.46 -5.44
C ILE B 75 9.99 36.57 -5.10
N VAL B 76 10.27 37.42 -6.07
CA VAL B 76 11.23 38.51 -5.87
C VAL B 76 10.58 39.88 -5.94
N ASP B 77 10.93 40.76 -5.01
CA ASP B 77 10.41 42.11 -5.04
C ASP B 77 11.55 43.09 -4.75
N THR B 78 11.36 44.33 -5.19
CA THR B 78 12.37 45.36 -4.96
C THR B 78 11.82 46.31 -3.90
N GLY B 79 11.22 45.72 -2.87
CA GLY B 79 10.67 46.49 -1.78
C GLY B 79 11.72 47.04 -0.83
N ILE B 80 11.28 47.46 0.35
CA ILE B 80 12.17 48.04 1.35
C ILE B 80 13.18 47.05 1.93
N GLY B 81 12.89 45.76 1.83
CA GLY B 81 13.80 44.76 2.36
C GLY B 81 13.74 44.64 3.87
N MET B 82 14.65 43.84 4.42
CA MET B 82 14.68 43.64 5.87
C MET B 82 16.09 43.69 6.43
N THR B 83 16.23 44.33 7.58
CA THR B 83 17.53 44.40 8.25
C THR B 83 17.69 43.04 8.95
N LYS B 84 18.88 42.78 9.46
CA LYS B 84 19.11 41.51 10.14
C LYS B 84 18.16 41.40 11.33
N ALA B 85 17.96 42.51 12.04
CA ALA B 85 17.07 42.54 13.19
C ALA B 85 15.64 42.17 12.79
N ASP B 86 15.18 42.72 11.66
CA ASP B 86 13.83 42.44 11.16
C ASP B 86 13.70 40.96 10.85
N LEU B 87 14.70 40.41 10.16
CA LEU B 87 14.69 39.00 9.80
C LEU B 87 14.48 38.12 11.02
N ILE B 88 15.35 38.31 12.00
CA ILE B 88 15.29 37.53 13.23
C ILE B 88 13.98 37.73 13.97
N ASN B 89 13.47 38.96 13.95
CA ASN B 89 12.21 39.28 14.62
C ASN B 89 11.03 38.85 13.75
N ASN B 90 11.00 37.57 13.40
CA ASN B 90 9.93 36.98 12.60
C ASN B 90 9.63 37.71 11.28
N LEU B 91 10.69 37.96 10.51
CA LEU B 91 10.55 38.62 9.21
C LEU B 91 9.72 39.90 9.25
N GLY B 92 9.91 40.70 10.30
CA GLY B 92 9.20 41.96 10.44
C GLY B 92 7.71 41.88 10.71
N THR B 93 7.24 40.71 11.13
CA THR B 93 5.82 40.52 11.42
C THR B 93 5.51 40.62 12.91
N ILE B 94 4.23 40.75 13.23
CA ILE B 94 3.79 40.80 14.62
C ILE B 94 3.33 39.37 14.89
N ALA B 95 4.24 38.43 14.64
CA ALA B 95 3.98 37.01 14.79
C ALA B 95 3.35 36.52 16.10
N LYS B 96 3.81 37.02 17.23
CA LYS B 96 3.27 36.58 18.51
C LYS B 96 1.79 36.91 18.68
N SER B 97 1.46 38.20 18.58
CA SER B 97 0.08 38.65 18.73
C SER B 97 -0.80 38.19 17.57
N GLY B 98 -0.24 38.22 16.36
CA GLY B 98 -0.98 37.81 15.18
C GLY B 98 -1.35 36.33 15.22
N THR B 99 -0.43 35.50 15.67
CA THR B 99 -0.69 34.06 15.77
C THR B 99 -1.77 33.79 16.80
N LYS B 100 -1.68 34.48 17.94
CA LYS B 100 -2.68 34.32 18.99
C LYS B 100 -4.06 34.68 18.49
N ALA B 101 -4.16 35.81 17.80
CA ALA B 101 -5.45 36.26 17.27
C ALA B 101 -5.95 35.29 16.21
N PHE B 102 -5.04 34.84 15.34
CA PHE B 102 -5.39 33.91 14.27
C PHE B 102 -5.97 32.61 14.84
N MET B 103 -5.31 32.09 15.87
CA MET B 103 -5.75 30.85 16.52
C MET B 103 -7.17 30.98 17.04
N GLU B 104 -7.44 32.07 17.75
CA GLU B 104 -8.76 32.32 18.30
C GLU B 104 -9.78 32.40 17.18
N ALA B 105 -9.37 33.00 16.06
CA ALA B 105 -10.26 33.13 14.90
C ALA B 105 -10.60 31.76 14.33
N LEU B 106 -9.60 30.89 14.23
CA LEU B 106 -9.81 29.54 13.70
C LEU B 106 -10.80 28.76 14.57
N GLN B 107 -10.90 29.13 15.83
CA GLN B 107 -11.80 28.47 16.76
C GLN B 107 -13.20 29.05 16.63
N ALA B 108 -13.30 30.22 16.00
CA ALA B 108 -14.59 30.89 15.84
C ALA B 108 -15.16 30.84 14.42
N GLY B 109 -14.59 30.01 13.56
CA GLY B 109 -15.12 29.91 12.21
C GLY B 109 -14.20 30.30 11.07
N ALA B 110 -13.05 30.88 11.38
CA ALA B 110 -12.12 31.27 10.35
C ALA B 110 -11.41 30.03 9.81
N ASP B 111 -10.78 30.16 8.65
CA ASP B 111 -10.05 29.03 8.09
C ASP B 111 -8.66 29.51 7.74
N ILE B 112 -7.79 28.56 7.38
CA ILE B 112 -6.41 28.86 7.05
C ILE B 112 -6.16 29.95 6.01
N SER B 113 -7.08 30.11 5.06
CA SER B 113 -6.90 31.13 4.02
C SER B 113 -6.92 32.57 4.55
N MET B 114 -7.43 32.76 5.77
CA MET B 114 -7.51 34.09 6.37
C MET B 114 -6.24 34.46 7.13
N ILE B 115 -5.22 33.63 7.01
CA ILE B 115 -3.95 33.86 7.70
C ILE B 115 -3.34 35.24 7.48
N GLY B 116 -3.44 35.75 6.25
CA GLY B 116 -2.88 37.06 5.95
C GLY B 116 -3.56 38.21 6.68
N GLN B 117 -4.80 37.99 7.08
CA GLN B 117 -5.55 39.01 7.80
C GLN B 117 -4.93 39.29 9.17
N PHE B 118 -4.07 38.38 9.62
CA PHE B 118 -3.44 38.54 10.93
C PHE B 118 -1.96 38.90 10.91
N GLY B 119 -1.47 39.25 9.72
CA GLY B 119 -0.09 39.68 9.57
C GLY B 119 0.98 38.60 9.53
N VAL B 120 0.57 37.33 9.47
CA VAL B 120 1.54 36.25 9.44
C VAL B 120 1.42 35.38 8.19
N GLY B 121 0.98 35.99 7.09
CA GLY B 121 0.82 35.27 5.84
C GLY B 121 2.07 34.63 5.26
N PHE B 122 3.24 35.16 5.61
CA PHE B 122 4.49 34.60 5.10
C PHE B 122 4.57 33.10 5.37
N TYR B 123 4.19 32.72 6.59
CA TYR B 123 4.27 31.33 6.99
C TYR B 123 3.40 30.36 6.19
N SER B 124 2.49 30.90 5.38
CA SER B 124 1.63 30.06 4.54
C SER B 124 2.51 29.42 3.48
N ALA B 125 3.74 29.89 3.35
CA ALA B 125 4.67 29.34 2.39
C ALA B 125 4.86 27.85 2.69
N TYR B 126 4.72 27.49 3.96
CA TYR B 126 4.92 26.10 4.36
C TYR B 126 3.77 25.17 3.98
N LEU B 127 2.77 25.71 3.29
CA LEU B 127 1.67 24.90 2.81
C LEU B 127 2.21 24.11 1.62
N VAL B 128 3.20 24.67 0.94
CA VAL B 128 3.76 24.02 -0.25
C VAL B 128 5.27 23.79 -0.26
N ALA B 129 6.01 24.46 0.63
CA ALA B 129 7.46 24.33 0.65
C ALA B 129 7.97 23.52 1.82
N GLU B 130 8.97 22.67 1.57
CA GLU B 130 9.57 21.87 2.64
C GLU B 130 10.66 22.71 3.28
N LYS B 131 11.21 23.65 2.51
CA LYS B 131 12.24 24.55 3.00
C LYS B 131 12.04 25.90 2.32
N VAL B 132 12.31 26.97 3.05
CA VAL B 132 12.16 28.31 2.52
C VAL B 132 13.44 29.10 2.80
N THR B 133 13.96 29.76 1.77
CA THR B 133 15.17 30.56 1.92
C THR B 133 14.78 31.98 1.58
N VAL B 134 15.12 32.92 2.46
CA VAL B 134 14.79 34.31 2.23
C VAL B 134 16.07 35.14 2.16
N ILE B 135 16.30 35.73 0.99
CA ILE B 135 17.47 36.58 0.78
C ILE B 135 16.92 38.01 0.81
N THR B 136 17.56 38.89 1.57
CA THR B 136 17.04 40.25 1.68
C THR B 136 18.13 41.31 1.83
N LYS B 137 17.82 42.51 1.34
CA LYS B 137 18.74 43.63 1.42
C LYS B 137 17.96 44.91 1.71
N HIS B 138 18.25 45.53 2.84
CA HIS B 138 17.61 46.77 3.26
C HIS B 138 18.68 47.86 3.09
N ASN B 139 18.27 49.08 2.78
CA ASN B 139 19.25 50.14 2.58
C ASN B 139 20.16 50.35 3.79
N ASP B 140 19.65 50.09 4.98
CA ASP B 140 20.43 50.30 6.21
C ASP B 140 21.22 49.11 6.73
N ASP B 141 21.27 48.01 5.98
CA ASP B 141 22.01 46.85 6.46
C ASP B 141 22.64 46.07 5.31
N GLU B 142 23.36 45.00 5.64
CA GLU B 142 24.01 44.15 4.64
C GLU B 142 23.00 43.13 4.13
N GLN B 143 23.38 42.38 3.10
CA GLN B 143 22.51 41.36 2.53
C GLN B 143 22.59 40.08 3.37
N TYR B 144 21.44 39.56 3.76
CA TYR B 144 21.37 38.37 4.59
C TYR B 144 20.51 37.26 4.00
N ALA B 145 20.77 36.03 4.43
CA ALA B 145 20.02 34.87 4.00
C ALA B 145 19.42 34.22 5.23
N TRP B 146 18.10 34.07 5.23
CA TRP B 146 17.35 33.44 6.31
C TRP B 146 16.89 32.10 5.73
N GLU B 147 16.81 31.06 6.56
CA GLU B 147 16.39 29.77 6.03
C GLU B 147 15.80 28.87 7.10
N SER B 148 14.77 28.12 6.72
CA SER B 148 14.14 27.20 7.66
C SER B 148 13.37 26.09 6.97
N SER B 149 13.50 24.88 7.50
CA SER B 149 12.77 23.73 7.00
C SER B 149 11.82 23.36 8.13
N ALA B 150 11.45 24.37 8.90
CA ALA B 150 10.57 24.22 10.04
C ALA B 150 11.31 23.45 11.14
N GLY B 151 10.63 22.54 11.81
CA GLY B 151 11.29 21.77 12.85
C GLY B 151 11.65 22.58 14.08
N GLY B 152 11.15 23.81 14.16
CA GLY B 152 11.40 24.65 15.31
C GLY B 152 12.58 25.59 15.25
N SER B 153 13.32 25.62 14.14
CA SER B 153 14.48 26.48 14.05
C SER B 153 14.70 27.12 12.69
N PHE B 154 15.48 28.19 12.67
CA PHE B 154 15.83 28.89 11.44
C PHE B 154 17.26 29.36 11.57
N THR B 155 17.89 29.66 10.43
CA THR B 155 19.26 30.15 10.43
C THR B 155 19.35 31.49 9.74
N VAL B 156 20.38 32.25 10.09
CA VAL B 156 20.63 33.55 9.48
C VAL B 156 22.12 33.65 9.26
N ARG B 157 22.51 34.10 8.08
CA ARG B 157 23.93 34.25 7.75
C ARG B 157 24.07 35.36 6.73
N THR B 158 25.23 36.00 6.71
CA THR B 158 25.46 37.05 5.73
C THR B 158 25.43 36.33 4.39
N ASP B 159 24.82 36.95 3.38
CA ASP B 159 24.74 36.32 2.07
C ASP B 159 25.92 36.75 1.21
N THR B 160 26.75 35.78 0.83
CA THR B 160 27.92 36.04 0.01
C THR B 160 27.59 35.93 -1.47
N GLY B 161 26.35 35.55 -1.76
CA GLY B 161 25.92 35.42 -3.15
C GLY B 161 25.95 36.78 -3.82
N GLU B 162 25.49 36.85 -5.06
CA GLU B 162 25.48 38.12 -5.78
C GLU B 162 24.54 39.14 -5.13
N PRO B 163 25.03 40.38 -4.95
CA PRO B 163 24.24 41.46 -4.35
C PRO B 163 22.99 41.75 -5.16
N MET B 164 21.88 42.01 -4.46
CA MET B 164 20.60 42.27 -5.12
C MET B 164 20.09 43.70 -5.14
N GLY B 165 20.90 44.65 -4.67
CA GLY B 165 20.47 46.05 -4.68
C GLY B 165 19.62 46.40 -3.47
N ARG B 166 18.37 45.96 -3.49
CA ARG B 166 17.44 46.22 -2.40
C ARG B 166 16.21 45.37 -2.63
N GLY B 167 15.65 44.80 -1.56
CA GLY B 167 14.46 44.00 -1.72
C GLY B 167 14.50 42.65 -1.03
N THR B 168 13.59 41.78 -1.41
CA THR B 168 13.50 40.46 -0.81
C THR B 168 13.19 39.38 -1.84
N LYS B 169 13.82 38.23 -1.67
CA LYS B 169 13.61 37.08 -2.54
C LYS B 169 13.18 35.95 -1.63
N VAL B 170 11.99 35.39 -1.88
CA VAL B 170 11.51 34.27 -1.08
C VAL B 170 11.61 33.04 -1.98
N ILE B 171 12.54 32.16 -1.66
CA ILE B 171 12.77 30.95 -2.44
C ILE B 171 12.04 29.78 -1.80
N LEU B 172 11.06 29.25 -2.52
CA LEU B 172 10.27 28.13 -2.04
C LEU B 172 10.79 26.81 -2.60
N HIS B 173 11.37 25.98 -1.74
CA HIS B 173 11.85 24.67 -2.15
C HIS B 173 10.62 23.79 -1.97
N LEU B 174 9.89 23.61 -3.06
CA LEU B 174 8.63 22.87 -3.05
C LEU B 174 8.65 21.40 -2.64
N LYS B 175 7.57 20.97 -2.00
CA LYS B 175 7.43 19.59 -1.58
C LYS B 175 7.27 18.80 -2.89
N GLU B 176 7.66 17.54 -2.86
CA GLU B 176 7.60 16.71 -4.06
C GLU B 176 6.22 16.63 -4.72
N ASP B 177 5.15 16.70 -3.94
CA ASP B 177 3.80 16.61 -4.51
C ASP B 177 3.15 17.96 -4.82
N GLN B 178 3.94 19.02 -4.80
CA GLN B 178 3.41 20.35 -5.07
C GLN B 178 4.07 21.02 -6.27
N THR B 179 4.55 20.22 -7.21
CA THR B 179 5.22 20.78 -8.38
C THR B 179 4.28 21.46 -9.37
N GLU B 180 2.98 21.45 -9.10
CA GLU B 180 2.03 22.09 -10.01
C GLU B 180 2.27 23.60 -10.00
N TYR B 181 2.85 24.10 -8.91
CA TYR B 181 3.11 25.53 -8.79
C TYR B 181 4.35 26.02 -9.54
N LEU B 182 4.88 25.17 -10.41
CA LEU B 182 6.03 25.51 -11.24
C LEU B 182 5.55 25.66 -12.68
N GLU B 183 4.30 25.26 -12.92
CA GLU B 183 3.71 25.34 -14.26
C GLU B 183 3.20 26.74 -14.55
N GLU B 184 3.60 27.29 -15.70
CA GLU B 184 3.19 28.63 -16.08
C GLU B 184 1.69 28.86 -16.05
N ARG B 185 0.91 27.95 -16.61
CA ARG B 185 -0.54 28.12 -16.61
C ARG B 185 -1.14 28.09 -15.21
N ARG B 186 -0.53 27.34 -14.31
CA ARG B 186 -1.03 27.26 -12.94
C ARG B 186 -0.76 28.58 -12.21
N ILE B 187 0.45 29.10 -12.36
CA ILE B 187 0.80 30.36 -11.70
C ILE B 187 -0.05 31.49 -12.26
N LYS B 188 -0.18 31.54 -13.58
CA LYS B 188 -0.98 32.57 -14.22
C LYS B 188 -2.41 32.53 -13.68
N GLU B 189 -2.94 31.32 -13.55
CA GLU B 189 -4.29 31.13 -13.04
C GLU B 189 -4.45 31.64 -11.60
N ILE B 190 -3.47 31.34 -10.76
CA ILE B 190 -3.53 31.77 -9.36
C ILE B 190 -3.39 33.28 -9.25
N VAL B 191 -2.52 33.88 -10.05
CA VAL B 191 -2.36 35.32 -10.02
C VAL B 191 -3.67 36.01 -10.41
N LYS B 192 -4.29 35.53 -11.49
CA LYS B 192 -5.55 36.10 -11.94
C LYS B 192 -6.67 35.90 -10.93
N LYS B 193 -6.69 34.73 -10.29
CA LYS B 193 -7.72 34.42 -9.32
C LYS B 193 -7.67 35.22 -8.03
N HIS B 194 -6.48 35.39 -7.47
CA HIS B 194 -6.32 36.09 -6.19
C HIS B 194 -5.55 37.40 -6.17
N SER B 195 -4.72 37.64 -7.18
CA SER B 195 -3.90 38.84 -7.22
C SER B 195 -4.01 39.57 -8.55
N GLN B 196 -5.22 39.61 -9.10
CA GLN B 196 -5.45 40.25 -10.39
C GLN B 196 -5.15 41.74 -10.46
N PHE B 197 -5.56 42.48 -9.43
CA PHE B 197 -5.33 43.93 -9.43
C PHE B 197 -4.47 44.35 -8.24
N ILE B 198 -3.18 44.58 -8.53
CA ILE B 198 -2.19 44.99 -7.55
C ILE B 198 -1.55 46.29 -8.00
N GLY B 199 -0.94 47.02 -7.08
CA GLY B 199 -0.33 48.29 -7.44
C GLY B 199 1.05 48.23 -8.07
N TYR B 200 1.53 47.03 -8.37
CA TYR B 200 2.85 46.88 -8.97
C TYR B 200 2.83 45.81 -10.05
N PRO B 201 3.74 45.92 -11.03
CA PRO B 201 3.83 44.96 -12.13
C PRO B 201 4.27 43.59 -11.61
N ILE B 202 3.63 42.53 -12.07
CA ILE B 202 3.99 41.17 -11.70
C ILE B 202 4.44 40.48 -12.97
N THR B 203 5.72 40.08 -13.01
CA THR B 203 6.25 39.41 -14.18
C THR B 203 6.49 37.94 -13.90
N LEU B 204 5.85 37.08 -14.69
CA LEU B 204 6.01 35.64 -14.56
C LEU B 204 7.06 35.18 -15.55
N PHE B 205 8.21 34.75 -15.03
CA PHE B 205 9.30 34.26 -15.88
C PHE B 205 8.95 32.92 -16.51
N VAL B 206 9.42 32.70 -17.73
CA VAL B 206 9.20 31.43 -18.40
C VAL B 206 10.53 30.70 -18.38
N GLU B 207 10.51 29.39 -18.61
CA GLU B 207 11.75 28.62 -18.59
C GLU B 207 12.15 28.14 -19.97
C1 A13 C . -5.28 -28.81 0.40
C2 A13 C . -5.55 -29.82 1.53
C3 A13 C . -6.16 -31.10 1.05
N4 A13 C . -6.43 -31.27 -0.28
C5 A13 C . -6.14 -30.30 -1.14
N6 A13 C . -5.58 -29.10 -0.88
N7 A13 C . -6.43 -30.56 -2.41
C8 A13 C . -4.66 -27.48 0.71
C9 A13 C . -6.49 -32.19 2.05
F10 A13 C . -5.73 -33.22 1.73
F11 A13 C . -7.77 -32.49 1.91
F12 A13 C . -6.20 -31.78 3.26
C1 A51 D . -9.33 -34.12 6.40
C2 A51 D . -9.09 -32.69 6.00
C3 A51 D . -9.76 -32.40 4.73
C4 A51 D . -10.48 -33.64 4.41
O5 A51 D . -10.22 -34.58 5.35
O6 A51 D . -11.19 -33.80 3.47
C7 A51 D . -9.78 -31.30 3.94
N8 A51 D . -9.05 -30.06 4.28
C9 A51 D . -8.82 -29.04 3.38
C10 A51 D . -9.31 -29.13 2.04
C11 A51 D . -9.07 -28.08 1.11
C12 A51 D . -8.34 -26.94 1.52
C13 A51 D . -7.85 -26.84 2.84
C14 A51 D . -8.08 -27.90 3.77
#